data_4KFS
#
_entry.id   4KFS
#
_cell.length_a   46.600
_cell.length_b   61.015
_cell.length_c   70.004
_cell.angle_alpha   90.00
_cell.angle_beta   96.57
_cell.angle_gamma   90.00
#
_symmetry.space_group_name_H-M   'P 1 21 1'
#
loop_
_entity.id
_entity.type
_entity.pdbx_description
1 polymer 'Genome packaging NTPase B204'
2 non-polymer 'ADENOSINE MONOPHOSPHATE'
3 non-polymer 'ZINC ION'
4 non-polymer 'SULFATE ION'
5 non-polymer 'MAGNESIUM ION'
6 non-polymer 'CITRATE ANION'
7 water water
#
_entity_poly.entity_id   1
_entity_poly.type   'polypeptide(L)'
_entity_poly.pdbx_seq_one_letter_code
;MNPDDIVVLVGRKKSGKSYLIKHYFIPVLKAHKISYIIDDHNLLRSGSEYSKFGYNATSLSDIVSKQYVVVYDRAKNDDF
FEKLWQASKLHSKKYGTTVLIIDEAYYHFKYKQKVTPAIDEALHANRHAGLGLILSTQRVYDLMPIVYKQADLIIMFYTR
EPNELRWISKYISAEAAEKVKTLKQYHFLIYDVNSQTIKIHKPILEHHHHHH
;
_entity_poly.pdbx_strand_id   A,B
#
loop_
_chem_comp.id
_chem_comp.type
_chem_comp.name
_chem_comp.formula
AMP non-polymer 'ADENOSINE MONOPHOSPHATE' 'C10 H14 N5 O7 P'
FLC non-polymer 'CITRATE ANION' 'C6 H5 O7 -3'
MG non-polymer 'MAGNESIUM ION' 'Mg 2'
SO4 non-polymer 'SULFATE ION' 'O4 S -2'
ZN non-polymer 'ZINC ION' 'Zn 2'
#
# COMPACT_ATOMS: atom_id res chain seq x y z
N MET A 1 12.86 13.92 16.22
CA MET A 1 12.03 13.66 15.04
C MET A 1 12.81 12.94 13.96
N ASN A 2 12.15 12.70 12.82
CA ASN A 2 12.80 12.06 11.68
C ASN A 2 12.33 12.65 10.36
N PRO A 3 13.27 13.09 9.52
CA PRO A 3 13.00 13.74 8.24
C PRO A 3 12.26 12.83 7.27
N ASP A 4 12.46 11.52 7.38
CA ASP A 4 11.80 10.63 6.43
C ASP A 4 10.50 10.01 6.98
N ASP A 5 9.97 10.61 8.04
CA ASP A 5 8.68 10.20 8.61
C ASP A 5 7.52 10.60 7.74
N ILE A 6 6.45 9.82 7.79
CA ILE A 6 5.19 10.30 7.25
C ILE A 6 4.37 10.95 8.37
N VAL A 7 4.10 12.25 8.21
CA VAL A 7 3.29 12.97 9.17
C VAL A 7 1.96 13.36 8.53
N VAL A 8 0.87 13.00 9.17
CA VAL A 8 -0.45 13.40 8.69
C VAL A 8 -1.09 14.41 9.65
N LEU A 9 -1.55 15.53 9.10
CA LEU A 9 -2.20 16.60 9.85
C LEU A 9 -3.68 16.63 9.52
N VAL A 10 -4.51 16.60 10.54
CA VAL A 10 -5.95 16.62 10.34
C VAL A 10 -6.59 17.72 11.19
N GLY A 11 -7.27 18.64 10.53
CA GLY A 11 -7.99 19.69 11.22
C GLY A 11 -8.72 20.58 10.24
N ARG A 12 -9.79 21.22 10.70
CA ARG A 12 -10.59 22.07 9.84
C ARG A 12 -9.92 23.41 9.51
N LYS A 13 -10.57 24.19 8.65
CA LYS A 13 -10.07 25.51 8.32
C LYS A 13 -10.00 26.35 9.57
N LYS A 14 -8.87 27.03 9.75
CA LYS A 14 -8.61 27.89 10.91
C LYS A 14 -8.34 27.12 12.21
N SER A 15 -8.24 25.80 12.13
CA SER A 15 -7.96 24.99 13.30
C SER A 15 -6.54 25.19 13.78
N GLY A 16 -5.63 25.55 12.89
CA GLY A 16 -4.25 25.79 13.25
C GLY A 16 -3.30 24.87 12.49
N LYS A 17 -3.89 24.15 11.55
CA LYS A 17 -3.16 23.20 10.73
C LYS A 17 -2.05 23.86 9.90
N SER A 18 -2.42 24.84 9.09
CA SER A 18 -1.47 25.57 8.26
C SER A 18 -0.47 26.34 9.10
N TYR A 19 -0.94 26.91 10.21
CA TYR A 19 -0.09 27.67 11.12
C TYR A 19 1.01 26.78 11.66
N LEU A 20 0.68 25.53 11.97
CA LEU A 20 1.66 24.58 12.48
C LEU A 20 2.73 24.24 11.42
N ILE A 21 2.29 24.10 10.17
CA ILE A 21 3.21 23.85 9.07
C ILE A 21 4.13 25.05 8.83
N LYS A 22 3.56 26.25 8.90
CA LYS A 22 4.30 27.47 8.57
C LYS A 22 5.23 27.98 9.67
N HIS A 23 4.91 27.70 10.92
CA HIS A 23 5.64 28.33 12.01
C HIS A 23 6.30 27.30 12.90
N TYR A 24 6.06 26.02 12.62
CA TYR A 24 6.84 24.98 13.25
C TYR A 24 7.63 24.15 12.25
N PHE A 25 6.94 23.29 11.51
CA PHE A 25 7.59 22.29 10.65
C PHE A 25 8.59 22.93 9.68
N ILE A 26 8.13 23.95 8.95
CA ILE A 26 8.99 24.64 8.01
C ILE A 26 10.24 25.28 8.65
N PRO A 27 10.05 26.11 9.71
CA PRO A 27 11.24 26.69 10.36
C PRO A 27 12.21 25.66 10.95
N VAL A 28 11.71 24.57 11.52
CA VAL A 28 12.58 23.54 12.07
C VAL A 28 13.34 22.78 10.97
N LEU A 29 12.68 22.53 9.84
CA LEU A 29 13.37 21.88 8.73
C LEU A 29 14.51 22.76 8.25
N LYS A 30 14.20 24.02 7.96
CA LYS A 30 15.19 25.01 7.55
C LYS A 30 16.38 25.02 8.49
N ALA A 31 16.09 25.25 9.76
CA ALA A 31 17.11 25.32 10.80
C ALA A 31 18.05 24.11 10.80
N HIS A 32 17.51 22.93 10.47
CA HIS A 32 18.31 21.71 10.46
C HIS A 32 18.86 21.45 9.07
N LYS A 33 18.61 22.38 8.15
CA LYS A 33 19.02 22.24 6.75
C LYS A 33 18.44 20.98 6.12
N ILE A 34 17.17 20.71 6.41
CA ILE A 34 16.46 19.68 5.70
C ILE A 34 15.72 20.37 4.57
N SER A 35 15.95 19.89 3.37
CA SER A 35 15.35 20.42 2.17
C SER A 35 13.88 20.05 2.14
N TYR A 36 13.05 20.88 1.51
CA TYR A 36 11.65 20.51 1.33
C TYR A 36 11.07 20.93 -0.01
N ILE A 37 10.02 20.24 -0.41
CA ILE A 37 9.26 20.51 -1.62
C ILE A 37 7.81 20.68 -1.20
N ILE A 38 7.21 21.82 -1.53
CA ILE A 38 5.81 22.06 -1.21
C ILE A 38 4.91 21.93 -2.42
N ASP A 39 4.02 20.96 -2.34
CA ASP A 39 3.05 20.71 -3.38
C ASP A 39 1.84 21.53 -2.97
N ASP A 40 1.73 22.71 -3.57
CA ASP A 40 0.76 23.69 -3.12
C ASP A 40 -0.43 23.85 -4.07
N HIS A 41 -1.63 23.64 -3.54
CA HIS A 41 -2.84 23.70 -4.35
C HIS A 41 -3.66 24.96 -4.12
N ASN A 42 -3.21 25.83 -3.21
CA ASN A 42 -3.94 27.07 -2.91
C ASN A 42 -3.31 28.33 -3.50
N LEU A 43 -4.14 29.22 -4.03
CA LEU A 43 -3.68 30.49 -4.56
C LEU A 43 -4.12 31.69 -3.70
N SER A 46 -2.39 37.17 -6.85
CA SER A 46 -1.50 36.05 -7.14
C SER A 46 -0.66 35.69 -5.93
N GLY A 47 -0.01 34.52 -5.99
CA GLY A 47 0.83 34.05 -4.91
C GLY A 47 0.27 32.81 -4.25
N SER A 48 0.98 31.70 -4.40
CA SER A 48 0.61 30.47 -3.71
C SER A 48 0.68 30.72 -2.22
N GLU A 49 -0.19 30.04 -1.48
CA GLU A 49 -0.19 30.08 -0.02
C GLU A 49 1.22 29.96 0.54
N TYR A 50 2.02 29.06 -0.01
CA TYR A 50 3.37 28.86 0.51
C TYR A 50 4.51 29.53 -0.29
N SER A 51 4.17 30.44 -1.19
CA SER A 51 5.17 31.15 -2.01
C SER A 51 6.36 31.73 -1.25
N LYS A 52 6.13 32.22 -0.03
CA LYS A 52 7.21 32.89 0.71
C LYS A 52 8.27 31.91 1.20
N PHE A 53 7.94 30.62 1.22
CA PHE A 53 8.80 29.64 1.88
C PHE A 53 9.77 28.91 0.96
N GLY A 54 9.81 29.28 -0.31
CA GLY A 54 10.76 28.64 -1.21
C GLY A 54 10.75 29.20 -2.61
N TYR A 55 11.60 28.62 -3.46
CA TYR A 55 11.66 29.00 -4.85
C TYR A 55 10.40 28.52 -5.56
N ASN A 56 9.70 29.44 -6.22
CA ASN A 56 8.48 29.08 -6.96
C ASN A 56 8.79 28.44 -8.32
N ALA A 57 8.89 27.11 -8.32
CA ALA A 57 9.24 26.32 -9.51
C ALA A 57 8.28 26.51 -10.69
N THR A 58 8.82 26.48 -11.91
CA THR A 58 7.98 26.61 -13.09
C THR A 58 8.19 25.44 -14.05
N SER A 59 8.93 24.43 -13.60
CA SER A 59 9.23 23.26 -14.42
C SER A 59 9.72 22.13 -13.51
N LEU A 60 9.68 20.91 -14.03
CA LEU A 60 10.17 19.75 -13.27
C LEU A 60 11.65 19.91 -12.91
N SER A 61 12.41 20.52 -13.81
CA SER A 61 13.85 20.71 -13.56
C SER A 61 14.10 21.56 -12.31
N ASP A 62 13.27 22.58 -12.10
CA ASP A 62 13.33 23.41 -10.90
C ASP A 62 13.12 22.60 -9.62
N ILE A 63 12.20 21.64 -9.67
CA ILE A 63 11.92 20.85 -8.48
C ILE A 63 13.16 20.05 -8.11
N VAL A 64 13.86 19.53 -9.11
CA VAL A 64 15.07 18.75 -8.86
C VAL A 64 16.20 19.63 -8.33
N SER A 65 16.37 20.81 -8.95
CA SER A 65 17.59 21.61 -8.75
C SER A 65 17.56 22.64 -7.60
N LYS A 66 16.39 23.13 -7.22
CA LYS A 66 16.29 24.09 -6.11
C LYS A 66 16.13 23.39 -4.74
N GLN A 67 16.78 23.95 -3.71
CA GLN A 67 16.84 23.30 -2.40
C GLN A 67 15.52 23.40 -1.61
N TYR A 68 14.87 24.54 -1.73
CA TYR A 68 13.60 24.78 -1.07
C TYR A 68 12.66 25.23 -2.15
N VAL A 69 11.64 24.44 -2.41
CA VAL A 69 10.89 24.65 -3.61
C VAL A 69 9.38 24.55 -3.39
N VAL A 70 8.67 25.44 -4.06
CA VAL A 70 7.23 25.51 -4.02
C VAL A 70 6.68 25.19 -5.40
N VAL A 71 5.80 24.19 -5.45
CA VAL A 71 5.19 23.76 -6.70
C VAL A 71 3.75 24.23 -6.74
N TYR A 72 3.38 24.92 -7.81
CA TYR A 72 1.99 25.30 -8.01
C TYR A 72 1.29 24.16 -8.72
N ASP A 73 0.49 23.40 -7.98
CA ASP A 73 -0.23 22.30 -8.55
C ASP A 73 -1.65 22.72 -8.87
N ARG A 74 -1.85 23.23 -10.09
CA ARG A 74 -3.15 23.74 -10.51
C ARG A 74 -3.62 23.03 -11.78
N ALA A 75 -3.07 21.84 -12.01
CA ALA A 75 -3.49 20.99 -13.12
C ALA A 75 -2.95 19.58 -12.89
N ASN A 77 -2.45 17.48 -16.20
CA ASN A 77 -2.62 16.06 -16.47
C ASN A 77 -2.89 15.28 -15.18
N ASP A 78 -3.44 14.08 -15.32
CA ASP A 78 -3.77 13.25 -14.17
C ASP A 78 -2.56 12.45 -13.68
N ASP A 79 -1.48 12.47 -14.45
CA ASP A 79 -0.25 11.78 -14.07
C ASP A 79 0.67 12.71 -13.29
N PHE A 80 0.12 13.78 -12.75
CA PHE A 80 0.94 14.78 -12.08
C PHE A 80 1.72 14.25 -10.88
N PHE A 81 1.03 13.57 -9.96
CA PHE A 81 1.73 13.04 -8.80
C PHE A 81 2.88 12.12 -9.21
N GLU A 82 2.63 11.26 -10.20
CA GLU A 82 3.69 10.40 -10.69
C GLU A 82 4.89 11.23 -11.18
N LYS A 83 4.63 12.32 -11.90
CA LYS A 83 5.71 13.21 -12.34
C LYS A 83 6.39 13.89 -11.15
N LEU A 84 5.57 14.51 -10.30
CA LEU A 84 6.05 15.09 -9.06
C LEU A 84 6.91 14.12 -8.24
N TRP A 85 6.45 12.89 -8.13
CA TRP A 85 7.13 11.90 -7.29
C TRP A 85 8.50 11.55 -7.86
N GLN A 86 8.53 11.32 -9.18
CA GLN A 86 9.78 11.10 -9.91
C GLN A 86 10.75 12.26 -9.71
N ALA A 87 10.25 13.49 -9.86
CA ALA A 87 11.10 14.68 -9.70
C ALA A 87 11.63 14.78 -8.27
N SER A 88 10.78 14.42 -7.31
CA SER A 88 11.14 14.59 -5.92
C SER A 88 12.21 13.57 -5.53
N LYS A 89 12.12 12.37 -6.12
CA LYS A 89 13.14 11.36 -5.85
C LYS A 89 14.52 11.81 -6.34
N LEU A 90 14.54 12.48 -7.49
CA LEU A 90 15.79 12.99 -8.05
C LEU A 90 16.29 14.15 -7.21
N HIS A 91 15.35 14.95 -6.73
CA HIS A 91 15.67 16.02 -5.80
C HIS A 91 16.41 15.52 -4.55
N SER A 92 15.93 14.45 -3.94
CA SER A 92 16.56 13.95 -2.72
C SER A 92 17.88 13.23 -2.97
N LYS A 93 18.14 12.82 -4.20
CA LYS A 93 19.43 12.25 -4.54
C LYS A 93 20.46 13.36 -4.47
N LYS A 94 20.04 14.57 -4.83
CA LYS A 94 20.91 15.73 -4.84
C LYS A 94 21.05 16.35 -3.46
N TYR A 95 19.92 16.49 -2.77
CA TYR A 95 19.89 17.23 -1.52
C TYR A 95 19.83 16.36 -0.28
N GLY A 96 19.77 15.04 -0.44
CA GLY A 96 19.60 14.18 0.71
C GLY A 96 18.15 14.24 1.18
N THR A 97 17.89 13.69 2.36
CA THR A 97 16.52 13.49 2.81
C THR A 97 15.71 14.78 2.74
N THR A 98 14.55 14.67 2.11
CA THR A 98 13.75 15.82 1.74
C THR A 98 12.33 15.55 2.17
N VAL A 99 11.66 16.59 2.65
CA VAL A 99 10.27 16.46 3.04
C VAL A 99 9.35 16.97 1.93
N LEU A 100 8.46 16.10 1.48
CA LEU A 100 7.43 16.51 0.54
C LEU A 100 6.17 16.92 1.31
N ILE A 101 5.85 18.21 1.24
CA ILE A 101 4.71 18.79 1.95
C ILE A 101 3.50 18.95 1.02
N ILE A 102 2.42 18.26 1.33
CA ILE A 102 1.23 18.30 0.49
C ILE A 102 0.04 18.84 1.27
N ASP A 103 -0.34 20.10 1.02
CA ASP A 103 -1.38 20.75 1.84
C ASP A 103 -2.84 20.30 1.58
N GLU A 104 -3.15 19.85 0.37
CA GLU A 104 -4.49 19.29 0.15
C GLU A 104 -4.33 17.84 -0.28
N ALA A 105 -4.01 16.99 0.70
CA ALA A 105 -3.60 15.63 0.43
C ALA A 105 -4.67 14.79 -0.23
N TYR A 106 -5.93 15.18 -0.07
CA TYR A 106 -7.02 14.43 -0.69
C TYR A 106 -7.00 14.50 -2.23
N TYR A 107 -6.22 15.43 -2.78
CA TYR A 107 -6.03 15.45 -4.23
C TYR A 107 -5.33 14.19 -4.69
N HIS A 108 -4.40 13.68 -3.89
CA HIS A 108 -3.60 12.55 -4.31
C HIS A 108 -3.91 11.26 -3.57
N PHE A 109 -4.47 11.40 -2.37
CA PHE A 109 -4.66 10.24 -1.50
C PHE A 109 -6.11 10.13 -1.05
N LYS A 110 -7.06 10.50 -1.91
CA LYS A 110 -8.47 10.51 -1.54
C LYS A 110 -9.02 9.13 -1.19
N TYR A 111 -9.93 9.09 -0.21
CA TYR A 111 -10.69 7.88 0.11
C TYR A 111 -11.35 7.27 -1.13
N LYS A 112 -11.21 5.95 -1.28
CA LYS A 112 -11.77 5.15 -2.38
C LYS A 112 -11.02 5.22 -3.72
N GLN A 113 -9.95 6.01 -3.79
CA GLN A 113 -9.16 6.07 -5.02
C GLN A 113 -8.27 4.85 -5.21
N LYS A 114 -7.97 4.52 -6.46
CA LYS A 114 -7.05 3.42 -6.75
C LYS A 114 -5.66 3.82 -6.31
N VAL A 115 -4.83 2.83 -6.00
CA VAL A 115 -3.47 3.11 -5.58
C VAL A 115 -2.51 2.75 -6.72
N THR A 116 -1.88 3.78 -7.32
CA THR A 116 -0.86 3.60 -8.33
C THR A 116 0.44 3.19 -7.66
N PRO A 117 1.41 2.66 -8.42
CA PRO A 117 2.72 2.38 -7.83
C PRO A 117 3.41 3.59 -7.18
N ALA A 118 3.16 4.80 -7.69
CA ALA A 118 3.81 5.99 -7.12
C ALA A 118 3.23 6.31 -5.74
N ILE A 119 1.91 6.31 -5.65
CA ILE A 119 1.21 6.52 -4.38
C ILE A 119 1.61 5.43 -3.39
N ASP A 120 1.71 4.20 -3.90
CA ASP A 120 2.13 3.11 -3.05
C ASP A 120 3.56 3.28 -2.53
N GLU A 121 4.48 3.71 -3.40
CA GLU A 121 5.85 3.99 -2.96
C GLU A 121 5.86 5.10 -1.92
N ALA A 122 5.07 6.14 -2.17
CA ALA A 122 5.02 7.27 -1.25
C ALA A 122 4.61 6.85 0.17
N LEU A 123 3.69 5.89 0.27
CA LEU A 123 3.17 5.45 1.57
C LEU A 123 3.98 4.33 2.21
N HIS A 124 4.67 3.53 1.42
CA HIS A 124 5.33 2.36 1.96
C HIS A 124 6.85 2.33 1.84
N ALA A 125 7.40 3.10 0.91
CA ALA A 125 8.83 3.02 0.64
C ALA A 125 9.49 4.38 0.69
N ASN A 126 8.88 5.31 1.44
CA ASN A 126 9.31 6.69 1.36
C ASN A 126 10.72 6.86 1.90
N ARG A 127 11.10 6.04 2.87
CA ARG A 127 12.45 6.12 3.42
C ARG A 127 13.48 5.64 2.40
N HIS A 128 13.17 4.56 1.70
CA HIS A 128 14.04 4.12 0.62
C HIS A 128 14.19 5.20 -0.44
N ALA A 129 13.12 5.97 -0.68
CA ALA A 129 13.13 7.00 -1.70
C ALA A 129 13.78 8.29 -1.23
N GLY A 130 14.12 8.36 0.06
CA GLY A 130 14.73 9.55 0.64
C GLY A 130 13.78 10.72 0.85
N LEU A 131 12.50 10.41 1.07
CA LEU A 131 11.47 11.44 1.09
C LEU A 131 10.52 11.29 2.27
N GLY A 132 10.52 12.27 3.17
CA GLY A 132 9.48 12.35 4.19
C GLY A 132 8.19 12.89 3.57
N LEU A 133 7.08 12.72 4.25
CA LEU A 133 5.81 13.30 3.82
C LEU A 133 5.12 14.04 4.96
N ILE A 134 4.62 15.23 4.65
CA ILE A 134 3.69 15.90 5.53
C ILE A 134 2.40 16.10 4.72
N LEU A 135 1.34 15.41 5.13
CA LEU A 135 0.07 15.44 4.43
C LEU A 135 -0.95 16.13 5.30
N SER A 136 -1.67 17.12 4.77
CA SER A 136 -2.72 17.72 5.59
C SER A 136 -4.08 17.57 4.94
N THR A 137 -5.10 17.46 5.77
CA THR A 137 -6.47 17.33 5.29
C THR A 137 -7.44 17.93 6.29
N GLN A 138 -8.64 18.23 5.81
CA GLN A 138 -9.68 18.86 6.62
C GLN A 138 -10.35 17.84 7.55
N ARG A 139 -10.79 16.71 7.00
CA ARG A 139 -11.49 15.71 7.79
C ARG A 139 -10.77 14.37 7.73
N VAL A 140 -10.79 13.62 8.83
CA VAL A 140 -10.15 12.31 8.85
C VAL A 140 -10.55 11.45 7.63
N TYR A 141 -11.84 11.47 7.29
CA TYR A 141 -12.38 10.56 6.27
C TYR A 141 -12.18 11.00 4.83
N ASP A 142 -11.41 12.07 4.63
CA ASP A 142 -11.06 12.55 3.29
C ASP A 142 -10.05 11.61 2.61
N LEU A 143 -9.18 11.00 3.42
CA LEU A 143 -8.07 10.20 2.91
C LEU A 143 -8.35 8.69 3.00
N MET A 144 -7.70 7.92 2.13
CA MET A 144 -7.68 6.47 2.27
C MET A 144 -7.24 6.12 3.67
N PRO A 145 -7.97 5.20 4.33
CA PRO A 145 -7.62 4.66 5.64
C PRO A 145 -6.18 4.21 5.69
N ILE A 146 -5.65 3.78 4.55
CA ILE A 146 -4.31 3.25 4.44
C ILE A 146 -3.24 4.30 4.79
N VAL A 147 -3.58 5.56 4.56
CA VAL A 147 -2.63 6.63 4.89
C VAL A 147 -2.34 6.62 6.39
N TYR A 148 -3.37 6.44 7.20
CA TYR A 148 -3.22 6.45 8.65
C TYR A 148 -2.48 5.22 9.16
N LYS A 149 -2.67 4.09 8.47
CA LYS A 149 -1.97 2.87 8.86
C LYS A 149 -0.47 3.02 8.59
N GLN A 150 -0.14 3.76 7.54
CA GLN A 150 1.25 3.91 7.13
C GLN A 150 1.97 5.10 7.76
N ALA A 151 1.21 5.99 8.42
CA ALA A 151 1.80 7.16 9.05
C ALA A 151 2.75 6.78 10.18
N ASP A 152 3.75 7.63 10.41
CA ASP A 152 4.57 7.51 11.61
C ASP A 152 3.99 8.38 12.71
N LEU A 153 3.49 9.56 12.34
CA LEU A 153 2.89 10.48 13.31
C LEU A 153 1.60 11.01 12.75
N ILE A 154 0.56 11.06 13.57
CA ILE A 154 -0.72 11.61 13.16
C ILE A 154 -1.08 12.73 14.12
N ILE A 155 -1.31 13.91 13.58
CA ILE A 155 -1.63 15.10 14.37
C ILE A 155 -3.08 15.47 14.12
N MET A 156 -3.84 15.68 15.18
CA MET A 156 -5.26 15.99 15.03
C MET A 156 -5.68 17.16 15.93
N PHE A 157 -6.44 18.08 15.35
CA PHE A 157 -7.04 19.17 16.11
C PHE A 157 -8.45 18.78 16.56
N TYR A 158 -9.12 19.64 17.32
CA TYR A 158 -10.42 19.28 17.90
C TYR A 158 -11.43 18.74 16.88
N THR A 159 -12.17 17.69 17.26
CA THR A 159 -13.39 17.30 16.57
C THR A 159 -14.30 16.49 17.46
N ARG A 160 -15.60 16.63 17.28
CA ARG A 160 -16.58 15.73 17.90
C ARG A 160 -17.54 15.13 16.88
N GLU A 161 -17.22 15.25 15.61
CA GLU A 161 -18.06 14.69 14.55
C GLU A 161 -17.97 13.17 14.64
N PRO A 162 -19.13 12.51 14.76
CA PRO A 162 -19.19 11.08 15.07
C PRO A 162 -18.58 10.19 13.98
N ASN A 163 -18.75 10.57 12.72
CA ASN A 163 -18.12 9.82 11.63
C ASN A 163 -16.62 9.91 11.78
N GLU A 164 -16.11 11.11 12.07
CA GLU A 164 -14.69 11.28 12.30
C GLU A 164 -14.19 10.47 13.48
N LEU A 165 -14.96 10.43 14.55
CA LEU A 165 -14.52 9.73 15.74
C LEU A 165 -14.45 8.23 15.48
N ARG A 166 -15.44 7.71 14.75
CA ARG A 166 -15.45 6.32 14.31
C ARG A 166 -14.23 5.90 13.46
N TRP A 167 -13.89 6.72 12.45
CA TRP A 167 -12.67 6.54 11.67
C TRP A 167 -11.41 6.57 12.54
N ILE A 168 -11.33 7.55 13.43
CA ILE A 168 -10.17 7.63 14.33
C ILE A 168 -10.04 6.38 15.23
N SER A 169 -11.17 5.89 15.73
CA SER A 169 -11.16 4.68 16.55
C SER A 169 -10.71 3.49 15.72
N LYS A 170 -11.27 3.41 14.52
CA LYS A 170 -11.05 2.26 13.66
C LYS A 170 -9.64 2.17 13.08
N TYR A 171 -9.10 3.31 12.62
CA TYR A 171 -7.86 3.30 11.84
C TYR A 171 -6.67 3.93 12.54
N ILE A 172 -6.91 4.59 13.66
CA ILE A 172 -5.82 5.26 14.35
C ILE A 172 -5.70 4.73 15.76
N SER A 173 -6.59 5.17 16.62
CA SER A 173 -6.61 4.70 17.98
C SER A 173 -7.90 5.10 18.66
N ALA A 174 -8.50 4.14 19.35
CA ALA A 174 -9.73 4.39 20.09
C ALA A 174 -9.47 5.35 21.24
N GLU A 175 -8.26 5.34 21.76
CA GLU A 175 -7.89 6.27 22.83
C GLU A 175 -7.69 7.67 22.24
N ALA A 176 -7.15 7.73 21.02
CA ALA A 176 -7.02 9.00 20.31
C ALA A 176 -8.40 9.62 20.10
N ALA A 177 -9.37 8.78 19.73
CA ALA A 177 -10.72 9.25 19.48
C ALA A 177 -11.35 9.84 20.73
N GLU A 178 -10.92 9.35 21.88
CA GLU A 178 -11.38 9.86 23.16
C GLU A 178 -10.87 11.29 23.41
N LYS A 179 -9.56 11.46 23.30
CA LYS A 179 -8.87 12.71 23.66
C LYS A 179 -9.09 13.88 22.69
N VAL A 180 -9.35 13.57 21.43
CA VAL A 180 -9.48 14.62 20.41
C VAL A 180 -10.73 15.45 20.67
N LYS A 181 -11.72 14.81 21.29
CA LYS A 181 -12.99 15.45 21.65
C LYS A 181 -12.84 16.61 22.61
N THR A 182 -11.76 16.63 23.38
CA THR A 182 -11.63 17.66 24.40
C THR A 182 -10.50 18.66 24.16
N LEU A 183 -9.98 18.71 22.94
CA LEU A 183 -8.92 19.66 22.64
C LEU A 183 -9.43 21.10 22.61
N LYS A 184 -8.68 22.01 23.22
CA LYS A 184 -9.03 23.42 23.20
C LYS A 184 -8.48 24.07 21.95
N GLN A 185 -8.79 25.36 21.74
CA GLN A 185 -8.38 26.03 20.50
C GLN A 185 -6.87 25.99 20.28
N TYR A 186 -6.48 25.50 19.10
CA TYR A 186 -5.07 25.42 18.68
C TYR A 186 -4.27 24.35 19.40
N HIS A 187 -4.87 23.64 20.33
CA HIS A 187 -4.22 22.47 20.90
C HIS A 187 -4.33 21.31 19.90
N PHE A 188 -3.39 20.38 19.94
CA PHE A 188 -3.45 19.25 19.03
C PHE A 188 -2.90 17.95 19.63
N LEU A 189 -3.54 16.85 19.28
CA LEU A 189 -3.09 15.55 19.74
C LEU A 189 -2.03 15.01 18.80
N ILE A 190 -0.94 14.45 19.34
CA ILE A 190 0.03 13.74 18.51
C ILE A 190 0.00 12.23 18.78
N TYR A 191 -0.35 11.46 17.76
CA TYR A 191 -0.34 10.01 17.93
C TYR A 191 0.88 9.43 17.22
N ASP A 192 1.69 8.73 17.98
CA ASP A 192 2.88 8.08 17.46
C ASP A 192 2.44 6.68 17.07
N VAL A 193 2.36 6.42 15.77
CA VAL A 193 1.79 5.17 15.28
C VAL A 193 2.66 3.99 15.69
N ASN A 194 3.98 4.23 15.72
CA ASN A 194 4.94 3.15 15.94
C ASN A 194 5.07 2.73 17.40
N SER A 195 4.83 3.65 18.31
CA SER A 195 4.90 3.36 19.73
C SER A 195 3.54 3.44 20.41
N GLN A 196 2.50 3.66 19.60
CA GLN A 196 1.12 3.78 20.07
C GLN A 196 1.01 4.74 21.25
N THR A 197 1.69 5.88 21.09
CA THR A 197 1.84 6.89 22.11
C THR A 197 1.02 8.13 21.76
N ILE A 198 0.34 8.68 22.76
CA ILE A 198 -0.43 9.92 22.60
C ILE A 198 0.18 11.07 23.41
N LYS A 199 0.31 12.23 22.80
CA LYS A 199 0.74 13.42 23.52
C LYS A 199 -0.23 14.55 23.21
N ILE A 200 -0.71 15.25 24.24
CA ILE A 200 -1.55 16.41 23.97
C ILE A 200 -0.69 17.65 23.96
N HIS A 201 -0.53 18.24 22.78
CA HIS A 201 0.37 19.37 22.61
C HIS A 201 -0.33 20.73 22.71
N LYS A 202 0.34 21.66 23.37
CA LYS A 202 -0.22 23.00 23.52
C LYS A 202 -0.02 23.79 22.23
N PRO A 203 -0.77 24.90 22.06
CA PRO A 203 -0.61 25.70 20.83
C PRO A 203 0.84 26.11 20.66
N ILE A 204 1.35 26.06 19.44
CA ILE A 204 2.71 26.54 19.20
C ILE A 204 2.81 28.05 19.40
N LEU A 205 4.01 28.53 19.74
CA LEU A 205 4.21 29.97 19.88
C LEU A 205 4.59 30.60 18.54
N MET B 1 10.01 -20.61 -1.94
CA MET B 1 11.23 -20.93 -1.21
C MET B 1 11.31 -20.21 0.15
N ASN B 2 10.31 -19.38 0.43
CA ASN B 2 10.03 -18.92 1.79
C ASN B 2 8.55 -19.15 2.03
N PRO B 3 8.19 -19.66 3.20
CA PRO B 3 6.78 -20.01 3.44
C PRO B 3 5.90 -18.78 3.39
N ASP B 4 6.43 -17.63 3.79
CA ASP B 4 5.63 -16.41 3.83
C ASP B 4 5.92 -15.48 2.66
N ASP B 5 6.37 -16.06 1.55
CA ASP B 5 6.52 -15.31 0.31
C ASP B 5 5.16 -14.96 -0.27
N ILE B 6 5.10 -13.86 -1.02
CA ILE B 6 3.97 -13.62 -1.91
C ILE B 6 4.33 -14.16 -3.29
N VAL B 7 3.52 -15.10 -3.77
CA VAL B 7 3.74 -15.74 -5.06
C VAL B 7 2.54 -15.47 -5.96
N VAL B 8 2.79 -14.86 -7.11
CA VAL B 8 1.73 -14.56 -8.07
C VAL B 8 1.88 -15.52 -9.27
N LEU B 9 0.78 -16.17 -9.64
CA LEU B 9 0.77 -17.09 -10.76
C LEU B 9 -0.19 -16.62 -11.84
N VAL B 10 0.33 -16.50 -13.06
CA VAL B 10 -0.45 -15.97 -14.17
C VAL B 10 -0.47 -17.01 -15.28
N GLY B 11 -1.67 -17.39 -15.74
CA GLY B 11 -1.78 -18.34 -16.82
C GLY B 11 -3.23 -18.73 -17.02
N ARG B 12 -3.58 -19.09 -18.25
CA ARG B 12 -4.96 -19.38 -18.57
C ARG B 12 -5.35 -20.81 -18.24
N LYS B 13 -6.58 -21.17 -18.58
CA LYS B 13 -7.05 -22.54 -18.38
C LYS B 13 -6.13 -23.50 -19.13
N LYS B 14 -5.84 -24.64 -18.53
CA LYS B 14 -5.06 -25.71 -19.16
C LYS B 14 -3.63 -25.29 -19.52
N SER B 15 -3.16 -24.21 -18.92
CA SER B 15 -1.76 -23.81 -19.13
C SER B 15 -0.82 -24.70 -18.33
N GLY B 16 -1.36 -25.33 -17.29
CA GLY B 16 -0.54 -26.07 -16.35
C GLY B 16 -0.48 -25.39 -14.99
N LYS B 17 -1.02 -24.18 -14.92
CA LYS B 17 -1.02 -23.44 -13.66
C LYS B 17 -1.75 -24.17 -12.56
N SER B 18 -2.91 -24.75 -12.89
CA SER B 18 -3.75 -25.43 -11.90
C SER B 18 -3.04 -26.68 -11.39
N TYR B 19 -2.39 -27.39 -12.29
CA TYR B 19 -1.64 -28.58 -11.91
C TYR B 19 -0.49 -28.18 -10.98
N LEU B 20 0.13 -27.05 -11.28
CA LEU B 20 1.21 -26.53 -10.44
C LEU B 20 0.72 -26.32 -9.00
N ILE B 21 -0.45 -25.72 -8.85
CA ILE B 21 -1.01 -25.44 -7.53
C ILE B 21 -1.43 -26.72 -6.78
N LYS B 22 -2.22 -27.54 -7.45
CA LYS B 22 -2.82 -28.72 -6.84
C LYS B 22 -1.84 -29.87 -6.64
N HIS B 23 -0.87 -29.99 -7.54
CA HIS B 23 0.04 -31.13 -7.50
C HIS B 23 1.46 -30.82 -7.01
N TYR B 24 1.87 -29.56 -7.04
CA TYR B 24 3.17 -29.22 -6.49
C TYR B 24 3.09 -28.43 -5.18
N PHE B 25 2.54 -27.23 -5.25
CA PHE B 25 2.58 -26.32 -4.10
C PHE B 25 1.82 -26.89 -2.90
N ILE B 26 0.56 -27.26 -3.11
CA ILE B 26 -0.24 -27.81 -2.01
C ILE B 26 0.40 -29.04 -1.34
N PRO B 27 0.80 -30.05 -2.12
CA PRO B 27 1.39 -31.21 -1.43
C PRO B 27 2.74 -30.92 -0.78
N VAL B 28 3.51 -29.97 -1.32
CA VAL B 28 4.76 -29.57 -0.67
C VAL B 28 4.47 -28.90 0.69
N LEU B 29 3.51 -27.97 0.71
CA LEU B 29 3.09 -27.35 1.97
C LEU B 29 2.67 -28.40 2.99
N LYS B 30 1.84 -29.34 2.55
CA LYS B 30 1.36 -30.39 3.44
C LYS B 30 2.53 -31.23 3.95
N ALA B 31 3.45 -31.55 3.05
CA ALA B 31 4.61 -32.39 3.38
C ALA B 31 5.52 -31.68 4.38
N HIS B 32 5.40 -30.37 4.46
CA HIS B 32 6.26 -29.58 5.33
C HIS B 32 5.52 -29.12 6.57
N LYS B 33 4.29 -29.60 6.74
CA LYS B 33 3.43 -29.25 7.86
C LYS B 33 3.17 -27.75 7.93
N ILE B 34 3.03 -27.13 6.77
CA ILE B 34 2.70 -25.71 6.68
C ILE B 34 1.22 -25.59 6.43
N SER B 35 0.54 -24.86 7.30
CA SER B 35 -0.90 -24.72 7.22
C SER B 35 -1.31 -23.93 5.98
N TYR B 36 -2.52 -24.16 5.51
CA TYR B 36 -3.05 -23.35 4.41
C TYR B 36 -4.55 -23.12 4.47
N ILE B 37 -4.94 -21.99 3.89
CA ILE B 37 -6.33 -21.60 3.76
C ILE B 37 -6.54 -21.34 2.26
N ILE B 38 -7.54 -22.00 1.68
CA ILE B 38 -7.82 -21.82 0.25
C ILE B 38 -9.09 -21.02 0.00
N ASP B 39 -8.92 -19.84 -0.56
CA ASP B 39 -10.04 -18.98 -0.89
C ASP B 39 -10.51 -19.35 -2.31
N ASP B 40 -11.68 -19.97 -2.39
CA ASP B 40 -12.13 -20.61 -3.61
C ASP B 40 -13.38 -19.97 -4.20
N HIS B 41 -13.26 -19.35 -5.36
CA HIS B 41 -14.41 -18.69 -5.98
C HIS B 41 -15.22 -19.59 -6.92
N ASN B 42 -14.61 -20.67 -7.39
CA ASN B 42 -15.26 -21.61 -8.30
C ASN B 42 -16.20 -22.59 -7.59
N LEU B 43 -17.30 -22.93 -8.25
CA LEU B 43 -18.31 -23.80 -7.63
C LEU B 43 -18.65 -25.05 -8.44
N GLU B 49 -14.27 -27.83 -5.78
CA GLU B 49 -13.14 -27.59 -6.68
C GLU B 49 -11.81 -27.84 -5.97
N TYR B 50 -11.60 -27.15 -4.84
CA TYR B 50 -10.50 -27.47 -3.95
C TYR B 50 -11.03 -28.20 -2.71
N SER B 51 -12.32 -28.52 -2.74
CA SER B 51 -13.02 -29.17 -1.62
C SER B 51 -12.27 -30.36 -1.00
N LYS B 52 -11.44 -31.01 -1.80
CA LYS B 52 -10.74 -32.21 -1.34
C LYS B 52 -9.49 -31.88 -0.53
N PHE B 53 -9.12 -30.60 -0.50
CA PHE B 53 -7.82 -30.23 0.05
C PHE B 53 -7.87 -29.73 1.49
N GLY B 54 -9.06 -29.67 2.06
CA GLY B 54 -9.16 -29.26 3.44
C GLY B 54 -10.59 -29.32 3.93
N TYR B 55 -10.79 -28.84 5.16
CA TYR B 55 -12.13 -28.71 5.69
C TYR B 55 -12.86 -27.60 4.97
N ASN B 56 -14.09 -27.90 4.54
CA ASN B 56 -14.91 -26.92 3.83
C ASN B 56 -15.72 -26.06 4.79
N ALA B 57 -15.21 -24.86 5.04
CA ALA B 57 -15.73 -23.93 6.04
C ALA B 57 -17.09 -23.33 5.66
N THR B 58 -17.98 -23.23 6.65
CA THR B 58 -19.24 -22.50 6.47
C THR B 58 -19.29 -21.22 7.30
N SER B 59 -18.26 -20.97 8.10
CA SER B 59 -18.19 -19.71 8.81
C SER B 59 -16.74 -19.33 9.00
N LEU B 60 -16.50 -18.10 9.44
CA LEU B 60 -15.13 -17.62 9.64
C LEU B 60 -14.47 -18.23 10.87
N SER B 61 -15.28 -18.73 11.80
CA SER B 61 -14.75 -19.45 12.96
C SER B 61 -14.06 -20.74 12.51
N ASP B 62 -14.59 -21.35 11.45
CA ASP B 62 -13.98 -22.55 10.91
C ASP B 62 -12.56 -22.27 10.41
N ILE B 63 -12.36 -21.09 9.84
CA ILE B 63 -11.04 -20.73 9.33
C ILE B 63 -10.01 -20.68 10.47
N VAL B 64 -10.42 -20.14 11.60
CA VAL B 64 -9.51 -20.00 12.73
C VAL B 64 -9.19 -21.36 13.37
N SER B 65 -10.18 -22.23 13.44
CA SER B 65 -10.04 -23.46 14.21
C SER B 65 -9.57 -24.69 13.43
N LYS B 66 -9.53 -24.63 12.10
CA LYS B 66 -9.08 -25.79 11.32
C LYS B 66 -7.72 -25.52 10.70
N GLN B 67 -6.86 -26.54 10.68
CA GLN B 67 -5.49 -26.39 10.18
C GLN B 67 -5.46 -26.24 8.66
N TYR B 68 -6.25 -27.05 7.98
CA TYR B 68 -6.34 -27.00 6.52
C TYR B 68 -7.78 -26.73 6.12
N VAL B 69 -8.01 -25.58 5.49
CA VAL B 69 -9.36 -25.10 5.28
C VAL B 69 -9.60 -24.59 3.88
N VAL B 70 -10.77 -24.90 3.35
CA VAL B 70 -11.23 -24.35 2.10
C VAL B 70 -12.42 -23.44 2.32
N VAL B 71 -12.35 -22.24 1.77
CA VAL B 71 -13.39 -21.24 1.96
C VAL B 71 -14.08 -20.93 0.65
N TYR B 72 -15.39 -21.12 0.61
CA TYR B 72 -16.16 -20.80 -0.60
C TYR B 72 -16.64 -19.36 -0.58
N ASP B 73 -16.22 -18.62 -1.61
CA ASP B 73 -16.24 -17.17 -1.57
C ASP B 73 -16.89 -16.64 -2.83
N ARG B 74 -18.19 -16.85 -2.96
CA ARG B 74 -18.88 -16.39 -4.16
C ARG B 74 -20.06 -15.49 -3.83
N ALA B 75 -20.02 -14.28 -4.39
CA ALA B 75 -21.06 -13.27 -4.21
C ALA B 75 -21.46 -13.04 -2.76
N LYS B 76 -20.47 -12.83 -1.90
CA LYS B 76 -20.73 -12.51 -0.50
C LYS B 76 -20.75 -11.00 -0.35
N ASN B 77 -20.74 -10.52 0.90
CA ASN B 77 -20.76 -9.07 1.14
C ASN B 77 -19.43 -8.38 0.84
N ASP B 78 -19.50 -7.10 0.50
CA ASP B 78 -18.34 -6.33 0.04
C ASP B 78 -17.14 -6.34 1.00
N ASP B 79 -17.40 -6.53 2.29
CA ASP B 79 -16.33 -6.50 3.28
C ASP B 79 -15.80 -7.89 3.55
N PHE B 80 -15.95 -8.81 2.60
CA PHE B 80 -15.61 -10.20 2.87
C PHE B 80 -14.11 -10.45 3.04
N PHE B 81 -13.30 -9.86 2.15
CA PHE B 81 -11.86 -10.10 2.23
C PHE B 81 -11.28 -9.61 3.54
N GLU B 82 -11.72 -8.44 3.99
CA GLU B 82 -11.31 -7.92 5.28
C GLU B 82 -11.62 -8.94 6.38
N LYS B 83 -12.81 -9.51 6.35
CA LYS B 83 -13.18 -10.55 7.29
C LYS B 83 -12.34 -11.84 7.17
N LEU B 84 -12.10 -12.28 5.94
CA LEU B 84 -11.25 -13.44 5.68
C LEU B 84 -9.83 -13.23 6.18
N TRP B 85 -9.28 -12.04 5.90
CA TRP B 85 -7.93 -11.68 6.30
C TRP B 85 -7.79 -11.66 7.82
N GLN B 86 -8.79 -11.11 8.49
CA GLN B 86 -8.78 -11.11 9.95
C GLN B 86 -8.78 -12.54 10.52
N ALA B 87 -9.66 -13.39 10.01
CA ALA B 87 -9.68 -14.80 10.43
C ALA B 87 -8.35 -15.50 10.14
N SER B 88 -7.80 -15.23 8.96
CA SER B 88 -6.53 -15.80 8.58
C SER B 88 -5.39 -15.40 9.52
N LYS B 89 -5.34 -14.14 9.92
CA LYS B 89 -4.32 -13.69 10.87
C LYS B 89 -4.48 -14.40 12.22
N LEU B 90 -5.73 -14.57 12.65
CA LEU B 90 -6.00 -15.29 13.89
C LEU B 90 -5.52 -16.72 13.75
N HIS B 91 -5.81 -17.29 12.60
CA HIS B 91 -5.43 -18.67 12.31
C HIS B 91 -3.91 -18.86 12.40
N SER B 92 -3.16 -17.93 11.81
CA SER B 92 -1.71 -18.06 11.83
C SER B 92 -1.14 -17.90 13.24
N LYS B 93 -1.80 -17.10 14.06
CA LYS B 93 -1.39 -17.00 15.45
C LYS B 93 -1.49 -18.36 16.13
N LYS B 94 -2.53 -19.12 15.74
CA LYS B 94 -2.79 -20.45 16.29
C LYS B 94 -1.88 -21.53 15.70
N TYR B 95 -1.63 -21.47 14.40
CA TYR B 95 -0.94 -22.56 13.71
C TYR B 95 0.46 -22.26 13.17
N GLY B 96 0.95 -21.04 13.36
CA GLY B 96 2.23 -20.68 12.75
C GLY B 96 2.04 -20.23 11.31
N THR B 97 3.15 -19.99 10.61
CA THR B 97 3.10 -19.49 9.22
C THR B 97 2.15 -20.31 8.36
N THR B 98 1.26 -19.60 7.68
CA THR B 98 0.15 -20.19 6.97
C THR B 98 0.17 -19.54 5.59
N VAL B 99 -0.23 -20.28 4.56
CA VAL B 99 -0.30 -19.74 3.23
C VAL B 99 -1.76 -19.56 2.80
N LEU B 100 -2.09 -18.33 2.45
CA LEU B 100 -3.43 -18.05 1.96
C LEU B 100 -3.39 -18.14 0.44
N ILE B 101 -4.14 -19.12 -0.10
CA ILE B 101 -4.13 -19.41 -1.53
C ILE B 101 -5.42 -18.92 -2.17
N ILE B 102 -5.30 -17.95 -3.06
CA ILE B 102 -6.46 -17.32 -3.65
C ILE B 102 -6.59 -17.78 -5.11
N ASP B 103 -7.64 -18.55 -5.37
CA ASP B 103 -7.86 -19.22 -6.65
C ASP B 103 -8.01 -18.26 -7.82
N GLU B 104 -8.80 -17.22 -7.64
CA GLU B 104 -8.98 -16.20 -8.67
C GLU B 104 -8.84 -14.83 -8.02
N ALA B 105 -7.61 -14.33 -8.03
CA ALA B 105 -7.24 -13.13 -7.29
C ALA B 105 -7.96 -11.88 -7.77
N TYR B 106 -8.47 -11.93 -8.99
CA TYR B 106 -9.23 -10.82 -9.57
C TYR B 106 -10.32 -10.26 -8.64
N TYR B 107 -11.07 -11.15 -7.98
CA TYR B 107 -12.20 -10.71 -7.19
C TYR B 107 -11.83 -9.79 -6.02
N HIS B 108 -10.61 -9.93 -5.50
CA HIS B 108 -10.18 -9.15 -4.36
C HIS B 108 -9.02 -8.20 -4.69
N PHE B 109 -8.34 -8.42 -5.80
CA PHE B 109 -7.17 -7.61 -6.15
C PHE B 109 -7.21 -6.97 -7.56
N LYS B 110 -8.41 -6.69 -8.06
CA LYS B 110 -8.53 -6.22 -9.43
C LYS B 110 -7.94 -4.84 -9.67
N TYR B 111 -7.49 -4.66 -10.90
CA TYR B 111 -7.03 -3.38 -11.42
C TYR B 111 -8.09 -2.32 -11.17
N LYS B 112 -7.63 -1.15 -10.72
CA LYS B 112 -8.46 0.04 -10.49
C LYS B 112 -9.29 0.03 -9.20
N GLN B 113 -9.20 -1.07 -8.47
CA GLN B 113 -9.95 -1.24 -7.23
C GLN B 113 -9.35 -0.47 -6.04
N LYS B 114 -10.22 -0.03 -5.14
CA LYS B 114 -9.82 0.60 -3.89
C LYS B 114 -8.91 -0.34 -3.08
N VAL B 115 -7.94 0.21 -2.36
CA VAL B 115 -7.11 -0.59 -1.48
C VAL B 115 -7.49 -0.44 -0.01
N THR B 116 -8.14 -1.45 0.56
CA THR B 116 -8.51 -1.46 1.98
C THR B 116 -7.28 -1.75 2.83
N PRO B 117 -7.37 -1.50 4.15
CA PRO B 117 -6.26 -1.88 5.03
C PRO B 117 -5.91 -3.36 4.97
N ALA B 118 -6.89 -4.22 4.73
CA ALA B 118 -6.62 -5.66 4.63
C ALA B 118 -5.78 -6.01 3.39
N ILE B 119 -6.11 -5.41 2.25
CA ILE B 119 -5.40 -5.66 0.98
C ILE B 119 -3.98 -5.12 1.10
N ASP B 120 -3.87 -3.95 1.70
CA ASP B 120 -2.57 -3.33 1.95
C ASP B 120 -1.70 -4.17 2.87
N GLU B 121 -2.31 -4.78 3.90
CA GLU B 121 -1.55 -5.66 4.79
C GLU B 121 -1.13 -6.92 4.06
N ALA B 122 -1.99 -7.43 3.19
CA ALA B 122 -1.63 -8.63 2.44
C ALA B 122 -0.41 -8.35 1.57
N LEU B 123 -0.36 -7.17 0.97
CA LEU B 123 0.71 -6.85 0.02
C LEU B 123 1.99 -6.29 0.65
N HIS B 124 1.90 -5.69 1.83
CA HIS B 124 3.07 -5.00 2.37
C HIS B 124 3.48 -5.44 3.78
N ALA B 125 2.66 -6.25 4.43
CA ALA B 125 2.91 -6.63 5.81
C ALA B 125 2.53 -8.07 6.05
N ASN B 126 2.67 -8.91 5.03
CA ASN B 126 2.17 -10.27 5.16
C ASN B 126 3.07 -11.08 6.08
N ARG B 127 4.37 -10.79 6.07
CA ARG B 127 5.28 -11.54 6.94
C ARG B 127 5.01 -11.17 8.40
N HIS B 128 4.73 -9.91 8.67
CA HIS B 128 4.33 -9.51 10.04
C HIS B 128 3.09 -10.26 10.51
N ALA B 129 2.15 -10.49 9.58
CA ALA B 129 0.89 -11.18 9.85
C ALA B 129 1.05 -12.69 9.93
N GLY B 130 2.23 -13.17 9.58
CA GLY B 130 2.49 -14.60 9.51
C GLY B 130 1.76 -15.32 8.39
N LEU B 131 1.56 -14.66 7.25
CA LEU B 131 0.87 -15.30 6.13
C LEU B 131 1.60 -15.18 4.79
N GLY B 132 1.81 -16.31 4.13
CA GLY B 132 2.19 -16.30 2.74
C GLY B 132 0.94 -16.08 1.89
N LEU B 133 1.14 -15.70 0.64
CA LEU B 133 0.04 -15.50 -0.29
C LEU B 133 0.36 -16.15 -1.60
N ILE B 134 -0.56 -16.98 -2.10
CA ILE B 134 -0.48 -17.44 -3.49
C ILE B 134 -1.66 -16.80 -4.22
N LEU B 135 -1.36 -15.89 -5.13
CA LEU B 135 -2.37 -15.23 -5.95
C LEU B 135 -2.37 -15.80 -7.36
N SER B 136 -3.52 -16.30 -7.78
CA SER B 136 -3.63 -16.90 -9.11
C SER B 136 -4.58 -16.10 -9.99
N THR B 137 -4.21 -15.91 -11.24
CA THR B 137 -5.04 -15.14 -12.16
C THR B 137 -4.79 -15.59 -13.60
N GLN B 138 -5.72 -15.28 -14.51
CA GLN B 138 -5.63 -15.75 -15.90
C GLN B 138 -4.77 -14.84 -16.75
N ARG B 139 -4.96 -13.53 -16.62
CA ARG B 139 -4.25 -12.57 -17.45
C ARG B 139 -3.58 -11.55 -16.55
N VAL B 140 -2.38 -11.13 -16.94
CA VAL B 140 -1.59 -10.17 -16.15
C VAL B 140 -2.40 -8.95 -15.76
N TYR B 141 -3.14 -8.39 -16.73
CA TYR B 141 -3.87 -7.15 -16.48
C TYR B 141 -5.10 -7.26 -15.56
N ASP B 142 -5.43 -8.46 -15.11
CA ASP B 142 -6.56 -8.64 -14.20
C ASP B 142 -6.35 -7.97 -12.83
N LEU B 143 -5.08 -7.83 -12.42
CA LEU B 143 -4.77 -7.40 -11.06
C LEU B 143 -4.21 -6.00 -11.04
N MET B 144 -4.35 -5.30 -9.92
CA MET B 144 -3.72 -4.00 -9.78
C MET B 144 -2.20 -4.16 -9.87
N PRO B 145 -1.52 -3.22 -10.54
CA PRO B 145 -0.07 -3.28 -10.74
C PRO B 145 0.75 -3.44 -9.45
N ILE B 146 0.32 -2.87 -8.33
CA ILE B 146 1.09 -2.99 -7.10
C ILE B 146 1.26 -4.43 -6.61
N VAL B 147 0.36 -5.32 -7.02
CA VAL B 147 0.54 -6.73 -6.73
C VAL B 147 1.88 -7.23 -7.28
N TYR B 148 2.21 -6.85 -8.50
CA TYR B 148 3.44 -7.29 -9.12
C TYR B 148 4.66 -6.62 -8.48
N LYS B 149 4.49 -5.38 -8.01
CA LYS B 149 5.59 -4.69 -7.33
C LYS B 149 5.93 -5.29 -5.98
N GLN B 150 4.92 -5.83 -5.31
CA GLN B 150 5.09 -6.36 -3.96
C GLN B 150 5.24 -7.89 -3.89
N ALA B 151 5.13 -8.57 -5.02
CA ALA B 151 5.31 -10.02 -5.00
C ALA B 151 6.77 -10.33 -4.74
N ASP B 152 7.03 -11.50 -4.16
CA ASP B 152 8.38 -12.01 -4.07
C ASP B 152 8.76 -12.84 -5.32
N LEU B 153 7.81 -13.59 -5.85
CA LEU B 153 8.00 -14.36 -7.08
C LEU B 153 6.81 -14.20 -7.97
N ILE B 154 7.05 -14.09 -9.27
CA ILE B 154 5.98 -14.00 -10.24
C ILE B 154 6.20 -15.13 -11.24
N ILE B 155 5.16 -15.95 -11.43
CA ILE B 155 5.23 -17.12 -12.29
C ILE B 155 4.27 -16.87 -13.43
N MET B 156 4.77 -17.01 -14.65
CA MET B 156 3.97 -16.75 -15.83
C MET B 156 4.10 -17.86 -16.85
N PHE B 157 2.97 -18.25 -17.43
CA PHE B 157 2.98 -19.21 -18.54
C PHE B 157 2.91 -18.43 -19.85
N TYR B 158 2.95 -19.13 -20.97
CA TYR B 158 3.03 -18.47 -22.26
C TYR B 158 1.93 -17.45 -22.52
N THR B 159 2.32 -16.30 -23.07
CA THR B 159 1.36 -15.40 -23.71
C THR B 159 2.07 -14.58 -24.76
N ARG B 160 1.32 -14.17 -25.77
CA ARG B 160 1.81 -13.25 -26.79
C ARG B 160 0.82 -12.11 -26.96
N GLU B 161 -0.23 -12.08 -26.14
CA GLU B 161 -1.20 -10.99 -26.22
C GLU B 161 -0.46 -9.67 -25.95
N PRO B 162 -0.62 -8.70 -26.86
CA PRO B 162 0.20 -7.48 -26.86
C PRO B 162 0.00 -6.63 -25.60
N ASN B 163 -1.24 -6.52 -25.12
CA ASN B 163 -1.53 -5.78 -23.91
C ASN B 163 -0.89 -6.42 -22.68
N GLU B 164 -0.91 -7.75 -22.63
CA GLU B 164 -0.26 -8.48 -21.54
C GLU B 164 1.24 -8.28 -21.55
N LEU B 165 1.86 -8.37 -22.71
CA LEU B 165 3.30 -8.17 -22.81
C LEU B 165 3.73 -6.77 -22.37
N ARG B 166 2.90 -5.78 -22.70
CA ARG B 166 3.13 -4.40 -22.29
C ARG B 166 3.05 -4.26 -20.76
N TRP B 167 2.02 -4.84 -20.17
CA TRP B 167 1.91 -4.88 -18.70
C TRP B 167 3.16 -5.50 -18.08
N ILE B 168 3.59 -6.62 -18.63
CA ILE B 168 4.75 -7.34 -18.11
C ILE B 168 5.98 -6.47 -18.22
N SER B 169 6.11 -5.80 -19.36
CA SER B 169 7.26 -4.96 -19.60
C SER B 169 7.25 -3.77 -18.65
N LYS B 170 6.06 -3.20 -18.45
CA LYS B 170 5.92 -1.98 -17.65
C LYS B 170 6.12 -2.22 -16.16
N TYR B 171 5.54 -3.30 -15.64
CA TYR B 171 5.50 -3.50 -14.20
C TYR B 171 6.39 -4.63 -13.67
N ILE B 172 6.92 -5.46 -14.56
CA ILE B 172 7.77 -6.56 -14.11
C ILE B 172 9.16 -6.38 -14.67
N SER B 173 9.35 -6.66 -15.96
CA SER B 173 10.60 -6.34 -16.63
C SER B 173 10.48 -6.56 -18.12
N ALA B 174 11.25 -5.80 -18.88
CA ALA B 174 11.26 -5.92 -20.33
C ALA B 174 11.79 -7.29 -20.75
N GLU B 175 12.77 -7.79 -20.00
CA GLU B 175 13.35 -9.10 -20.32
C GLU B 175 12.36 -10.24 -20.14
N ALA B 176 11.58 -10.19 -19.06
CA ALA B 176 10.56 -11.21 -18.80
C ALA B 176 9.51 -11.24 -19.92
N ALA B 177 9.13 -10.06 -20.40
CA ALA B 177 8.12 -9.92 -21.43
C ALA B 177 8.62 -10.51 -22.75
N GLU B 178 9.93 -10.51 -22.94
CA GLU B 178 10.50 -11.17 -24.11
C GLU B 178 10.56 -12.70 -23.94
N LYS B 179 11.01 -13.17 -22.78
CA LYS B 179 11.07 -14.62 -22.52
C LYS B 179 9.69 -15.27 -22.48
N VAL B 180 8.69 -14.54 -21.99
CA VAL B 180 7.35 -15.12 -21.86
C VAL B 180 6.80 -15.54 -23.21
N LYS B 181 7.25 -14.83 -24.26
CA LYS B 181 6.91 -15.17 -25.64
C LYS B 181 7.57 -16.45 -26.14
N THR B 182 8.59 -16.92 -25.41
CA THR B 182 9.37 -18.07 -25.86
C THR B 182 9.10 -19.37 -25.09
N LEU B 183 8.15 -19.32 -24.16
CA LEU B 183 7.84 -20.47 -23.31
C LEU B 183 7.23 -21.64 -24.08
N LYS B 184 7.82 -22.82 -23.94
CA LYS B 184 7.22 -24.04 -24.48
C LYS B 184 6.02 -24.49 -23.66
N GLN B 185 5.24 -25.43 -24.20
CA GLN B 185 4.02 -25.89 -23.55
C GLN B 185 4.29 -26.41 -22.15
N TYR B 186 3.49 -25.95 -21.19
CA TYR B 186 3.66 -26.28 -19.78
C TYR B 186 4.95 -25.74 -19.17
N HIS B 187 5.74 -25.01 -19.93
CA HIS B 187 6.88 -24.32 -19.35
C HIS B 187 6.42 -23.00 -18.70
N PHE B 188 7.11 -22.55 -17.65
CA PHE B 188 6.78 -21.29 -17.01
C PHE B 188 8.02 -20.50 -16.65
N LEU B 189 7.89 -19.19 -16.59
CA LEU B 189 8.99 -18.33 -16.26
C LEU B 189 8.84 -17.98 -14.78
N ILE B 190 9.94 -17.94 -14.03
CA ILE B 190 9.91 -17.50 -12.65
C ILE B 190 10.72 -16.22 -12.54
N TYR B 191 10.05 -15.12 -12.23
CA TYR B 191 10.74 -13.86 -12.02
C TYR B 191 10.86 -13.58 -10.54
N ASP B 192 12.11 -13.46 -10.10
CA ASP B 192 12.40 -13.10 -8.72
C ASP B 192 12.40 -11.58 -8.59
N VAL B 193 11.38 -11.06 -7.93
CA VAL B 193 11.23 -9.62 -7.87
C VAL B 193 12.29 -9.01 -6.96
N ASN B 194 12.66 -9.75 -5.93
CA ASN B 194 13.68 -9.27 -5.00
C ASN B 194 15.07 -9.18 -5.63
N SER B 195 15.49 -10.22 -6.36
CA SER B 195 16.79 -10.18 -7.03
C SER B 195 16.71 -9.60 -8.45
N GLN B 196 15.50 -9.32 -8.91
CA GLN B 196 15.29 -8.77 -10.24
C GLN B 196 15.87 -9.68 -11.32
N THR B 197 15.74 -10.99 -11.12
CA THR B 197 16.29 -11.95 -12.05
C THR B 197 15.29 -13.02 -12.48
N ILE B 198 15.54 -13.60 -13.65
CA ILE B 198 14.78 -14.74 -14.15
C ILE B 198 15.41 -15.99 -13.59
N LYS B 199 14.62 -16.77 -12.87
CA LYS B 199 15.13 -17.87 -12.07
C LYS B 199 15.05 -19.20 -12.83
N ILE B 200 16.20 -19.75 -13.16
CA ILE B 200 16.26 -21.01 -13.93
C ILE B 200 15.84 -22.21 -13.08
N HIS B 201 15.12 -23.15 -13.71
CA HIS B 201 14.47 -24.23 -13.00
C HIS B 201 14.11 -25.39 -13.93
N LYS B 202 13.88 -26.56 -13.35
CA LYS B 202 13.50 -27.74 -14.13
C LYS B 202 12.05 -27.64 -14.60
N PRO B 203 11.77 -28.12 -15.83
CA PRO B 203 10.40 -28.07 -16.34
C PRO B 203 9.55 -29.25 -15.85
N ILE B 204 9.17 -29.21 -14.58
CA ILE B 204 8.34 -30.25 -13.98
C ILE B 204 6.98 -30.38 -14.67
P AMP C . -5.16 27.63 10.04
O1P AMP C . -5.91 26.36 10.38
O2P AMP C . -5.45 28.31 8.72
O3P AMP C . -3.67 27.40 10.19
O5' AMP C . -5.33 28.68 11.23
C5' AMP C . -4.21 29.37 11.76
C4' AMP C . -4.58 30.76 12.22
O4' AMP C . -4.76 30.76 13.66
C3' AMP C . -3.52 31.83 11.99
O3' AMP C . -3.51 32.32 10.67
C2' AMP C . -3.86 32.88 13.06
O2' AMP C . -4.89 33.75 12.59
C1' AMP C . -4.42 32.02 14.19
N9 AMP C . -3.44 31.83 15.28
C8 AMP C . -2.95 32.85 16.04
N7 AMP C . -2.08 32.39 16.97
C5 AMP C . -2.01 31.05 16.82
C6 AMP C . -1.25 29.97 17.49
N6 AMP C . -0.41 30.24 18.52
N1 AMP C . -1.44 28.71 17.04
C2 AMP C . -2.28 28.47 16.01
N3 AMP C . -2.99 29.40 15.35
C4 AMP C . -2.91 30.69 15.71
ZN ZN D . -0.35 18.25 -5.89
S SO4 E . 6.71 3.32 6.85
O1 SO4 E . 6.84 3.80 5.45
O2 SO4 E . 6.54 1.86 6.84
O3 SO4 E . 7.90 3.67 7.61
O4 SO4 E . 5.56 3.94 7.48
MG MG F . 12.70 -14.40 -2.82
MG MG G . 6.97 -8.18 0.87
CAC FLC H . 15.76 -15.89 -1.65
CA FLC H . 16.56 -15.25 -2.76
CB FLC H . 15.69 -14.22 -3.49
CBC FLC H . 15.31 -13.12 -2.53
OA1 FLC H . 16.39 -16.64 -0.86
OA2 FLC H . 14.53 -15.68 -1.55
OB1 FLC H . 14.11 -12.97 -2.20
OB2 FLC H . 16.23 -12.38 -2.11
OHB FLC H . 14.51 -14.91 -3.97
CAC FLC I . 7.76 -5.37 1.44
CA FLC I . 7.74 -5.43 2.95
CB FLC I . 7.34 -6.81 3.48
CBC FLC I . 8.47 -7.78 3.27
CG FLC I . 7.05 -6.69 4.98
CGC FLC I . 6.26 -7.86 5.52
OA1 FLC I . 7.59 -6.42 0.78
OA2 FLC I . 7.94 -4.26 0.89
OB1 FLC I . 8.35 -8.66 2.37
OB2 FLC I . 9.49 -7.71 3.98
OG1 FLC I . 5.87 -8.73 4.71
OG2 FLC I . 6.00 -7.91 6.74
OHB FLC I . 6.18 -7.27 2.77
#